data_9C7O
#
_entry.id   9C7O
#
_cell.length_a   74.124
_cell.length_b   74.124
_cell.length_c   90.144
_cell.angle_alpha   90.00
_cell.angle_beta   90.00
_cell.angle_gamma   90.00
#
_symmetry.space_group_name_H-M   'P 43 21 2'
#
loop_
_entity.id
_entity.type
_entity.pdbx_description
1 polymer 'Anthocyanin regulatory Lc protein'
2 water water
#
_entity_poly.entity_id   1
_entity_poly.type   'polypeptide(L)'
_entity_poly.pdbx_seq_one_letter_code
;DAGTSNVTVTVSDKDVLLEVQCRWEELL(MSE)TRVFDAIKSLHLDVLSVQASAPDGF(MSE)GLKIRAQFAGSGAVVPW
(MSE)ISEALRKAIGKR
;
_entity_poly.pdbx_strand_id   A,B
#
# COMPACT_ATOMS: atom_id res chain seq x y z
N THR A 4 2.96 20.65 9.32
CA THR A 4 3.08 20.78 7.87
C THR A 4 2.65 19.50 7.12
N SER A 5 1.52 19.57 6.42
CA SER A 5 0.96 18.38 5.79
C SER A 5 0.17 18.75 4.54
N ASN A 6 0.38 17.99 3.47
CA ASN A 6 -0.28 18.26 2.21
C ASN A 6 -0.95 17.02 1.65
N VAL A 7 -2.13 17.22 1.06
CA VAL A 7 -2.85 16.20 0.31
C VAL A 7 -3.11 16.80 -1.07
N THR A 8 -2.68 16.08 -2.11
CA THR A 8 -2.85 16.50 -3.51
C THR A 8 -3.48 15.36 -4.28
N VAL A 9 -4.55 15.67 -5.01
CA VAL A 9 -5.31 14.72 -5.76
C VAL A 9 -5.43 15.26 -7.17
N THR A 10 -5.01 14.45 -8.15
CA THR A 10 -5.13 14.79 -9.56
C THR A 10 -5.96 13.72 -10.27
N VAL A 11 -7.02 14.14 -10.96
CA VAL A 11 -7.95 13.22 -11.58
C VAL A 11 -8.10 13.60 -13.04
N SER A 12 -7.90 12.63 -13.92
CA SER A 12 -8.19 12.80 -15.34
C SER A 12 -8.92 11.54 -15.78
N ASP A 13 -10.21 11.70 -16.10
CA ASP A 13 -11.11 10.59 -16.43
C ASP A 13 -11.09 9.60 -15.27
N LYS A 14 -10.58 8.39 -15.50
CA LYS A 14 -10.47 7.39 -14.45
C LYS A 14 -9.07 7.30 -13.84
N ASP A 15 -8.09 8.06 -14.33
CA ASP A 15 -6.77 8.05 -13.73
C ASP A 15 -6.71 9.01 -12.55
N VAL A 16 -6.10 8.54 -11.46
CA VAL A 16 -6.02 9.27 -10.20
C VAL A 16 -4.58 9.26 -9.71
N LEU A 17 -4.03 10.43 -9.44
CA LEU A 17 -2.75 10.57 -8.77
C LEU A 17 -2.96 11.15 -7.38
N LEU A 18 -2.31 10.55 -6.39
CA LEU A 18 -2.40 10.95 -4.99
C LEU A 18 -1.01 11.23 -4.46
N GLU A 19 -0.82 12.39 -3.84
CA GLU A 19 0.41 12.67 -3.13
C GLU A 19 0.03 13.15 -1.74
N VAL A 20 0.74 12.63 -0.74
CA VAL A 20 0.52 12.98 0.66
C VAL A 20 1.86 13.16 1.34
N GLN A 21 2.00 14.24 2.09
CA GLN A 21 3.17 14.45 2.94
C GLN A 21 2.66 14.85 4.32
N CYS A 22 3.06 14.10 5.35
CA CYS A 22 2.63 14.43 6.70
C CYS A 22 3.54 13.71 7.68
N ARG A 23 3.38 14.07 8.96
CA ARG A 23 4.05 13.37 10.04
C ARG A 23 3.58 11.93 10.06
N TRP A 24 4.52 10.99 10.08
CA TRP A 24 4.14 9.58 10.21
C TRP A 24 3.64 9.28 11.61
N GLU A 25 2.64 8.42 11.70
CA GLU A 25 2.30 7.76 12.96
C GLU A 25 1.88 6.32 12.69
N GLU A 26 1.84 5.52 13.75
CA GLU A 26 1.62 4.09 13.63
C GLU A 26 0.36 3.79 12.85
N LEU A 27 0.45 2.77 11.97
CA LEU A 27 -0.66 2.31 11.14
C LEU A 27 -1.17 3.39 10.17
N LEU A 28 -0.38 4.44 9.91
CA LEU A 28 -0.82 5.45 8.93
C LEU A 28 -1.03 4.83 7.55
N THR A 30 -1.72 1.99 6.72
CA THR A 30 -2.86 1.08 6.69
C THR A 30 -4.16 1.83 6.54
N ARG A 31 -4.29 2.96 7.24
CA ARG A 31 -5.46 3.82 7.10
C ARG A 31 -5.54 4.40 5.68
N VAL A 32 -4.41 4.82 5.12
CA VAL A 32 -4.42 5.32 3.75
C VAL A 32 -4.93 4.26 2.80
N PHE A 33 -4.42 3.03 2.90
CA PHE A 33 -4.87 2.02 1.96
C PHE A 33 -6.30 1.58 2.23
N ASP A 34 -6.74 1.58 3.49
CA ASP A 34 -8.16 1.37 3.76
C ASP A 34 -9.01 2.41 3.06
N ALA A 35 -8.61 3.69 3.13
CA ALA A 35 -9.36 4.74 2.45
C ALA A 35 -9.41 4.48 0.95
N ILE A 36 -8.24 4.16 0.37
CA ILE A 36 -8.14 3.91 -1.06
C ILE A 36 -9.05 2.75 -1.46
N LYS A 37 -9.05 1.69 -0.66
CA LYS A 37 -9.96 0.57 -0.91
C LYS A 37 -11.41 1.05 -0.90
N SER A 38 -11.78 1.88 0.09
CA SER A 38 -13.17 2.29 0.25
C SER A 38 -13.61 3.27 -0.83
N LEU A 39 -12.68 3.91 -1.51
CA LEU A 39 -12.94 4.71 -2.71
C LEU A 39 -12.92 3.88 -4.01
N HIS A 40 -12.73 2.57 -3.94
CA HIS A 40 -12.75 1.73 -5.14
C HIS A 40 -11.68 2.15 -6.13
N LEU A 41 -10.51 2.51 -5.61
CA LEU A 41 -9.34 2.85 -6.41
C LEU A 41 -8.40 1.65 -6.48
N ASP A 42 -7.98 1.31 -7.69
CA ASP A 42 -7.10 0.17 -7.94
C ASP A 42 -5.68 0.69 -8.09
N VAL A 43 -4.82 0.37 -7.14
CA VAL A 43 -3.49 0.97 -7.12
C VAL A 43 -2.59 0.29 -8.14
N LEU A 44 -1.95 1.09 -8.99
CA LEU A 44 -1.06 0.57 -10.01
C LEU A 44 0.40 0.87 -9.76
N SER A 45 0.72 1.83 -8.89
CA SER A 45 2.11 2.06 -8.51
C SER A 45 2.10 2.90 -7.25
N VAL A 46 3.09 2.68 -6.39
CA VAL A 46 3.21 3.44 -5.15
C VAL A 46 4.68 3.61 -4.81
N GLN A 47 5.05 4.81 -4.40
CA GLN A 47 6.32 5.06 -3.73
C GLN A 47 6.00 5.78 -2.42
N ALA A 48 6.46 5.21 -1.31
CA ALA A 48 6.18 5.77 0.00
C ALA A 48 7.30 5.38 0.93
N SER A 49 7.73 6.35 1.74
CA SER A 49 8.67 6.09 2.81
C SER A 49 8.52 7.20 3.83
N ALA A 50 9.08 6.97 5.02
CA ALA A 50 8.96 7.91 6.13
C ALA A 50 10.30 8.05 6.84
N PRO A 51 11.32 8.55 6.15
CA PRO A 51 12.57 8.88 6.84
C PRO A 51 12.35 10.03 7.83
N ASP A 52 12.96 9.90 9.00
CA ASP A 52 12.89 10.94 10.04
C ASP A 52 11.45 11.21 10.51
N GLY A 53 10.61 10.18 10.48
CA GLY A 53 9.23 10.29 10.92
C GLY A 53 8.33 11.15 10.06
N PHE A 54 8.70 11.45 8.82
CA PHE A 54 7.88 12.28 7.95
C PHE A 54 7.54 11.49 6.69
N GLY A 56 6.18 10.58 3.03
CA GLY A 56 5.93 11.06 1.68
C GLY A 56 5.42 9.90 0.84
N LEU A 57 4.32 10.12 0.14
CA LEU A 57 3.58 9.05 -0.48
C LEU A 57 3.12 9.52 -1.85
N LYS A 58 3.40 8.73 -2.88
CA LYS A 58 2.92 9.00 -4.23
C LYS A 58 2.27 7.74 -4.78
N ILE A 59 1.00 7.85 -5.16
CA ILE A 59 0.24 6.71 -5.63
C ILE A 59 -0.41 7.04 -6.95
N ARG A 60 -0.31 6.13 -7.91
CA ARG A 60 -1.01 6.24 -9.18
C ARG A 60 -2.03 5.12 -9.22
N ALA A 61 -3.29 5.46 -9.48
CA ALA A 61 -4.38 4.51 -9.36
C ALA A 61 -5.42 4.72 -10.44
N GLN A 62 -6.36 3.78 -10.52
CA GLN A 62 -7.42 3.86 -11.50
C GLN A 62 -8.73 3.56 -10.80
N PHE A 63 -9.79 4.27 -11.20
CA PHE A 63 -11.10 4.10 -10.57
C PHE A 63 -11.80 2.86 -11.10
N ALA A 64 -12.23 1.98 -10.19
CA ALA A 64 -12.82 0.68 -10.51
C ALA A 64 -14.32 0.61 -10.25
N GLY A 65 -14.91 1.63 -9.62
CA GLY A 65 -16.33 1.62 -9.35
C GLY A 65 -17.15 2.11 -10.53
N SER A 66 -18.44 2.29 -10.27
CA SER A 66 -19.36 2.76 -11.29
C SER A 66 -19.49 4.28 -11.27
N GLY A 67 -19.86 4.84 -12.40
CA GLY A 67 -20.08 6.27 -12.46
C GLY A 67 -18.80 7.08 -12.52
N ALA A 68 -18.93 8.35 -12.18
CA ALA A 68 -17.85 9.32 -12.27
C ALA A 68 -17.10 9.42 -10.96
N VAL A 69 -15.83 9.80 -11.06
CA VAL A 69 -14.99 10.02 -9.90
C VAL A 69 -15.38 11.34 -9.25
N VAL A 70 -15.43 11.36 -7.91
CA VAL A 70 -15.67 12.60 -7.18
C VAL A 70 -14.39 13.02 -6.47
N PRO A 71 -13.60 13.92 -7.05
CA PRO A 71 -12.26 14.19 -6.50
C PRO A 71 -12.25 14.64 -5.04
N TRP A 72 -13.18 15.51 -4.65
CA TRP A 72 -13.12 16.03 -3.28
C TRP A 72 -13.35 14.93 -2.26
N ILE A 74 -12.16 11.88 -2.61
CA ILE A 74 -10.83 11.30 -2.45
C ILE A 74 -10.04 12.14 -1.47
N SER A 75 -10.07 13.45 -1.67
CA SER A 75 -9.32 14.37 -0.83
C SER A 75 -9.80 14.26 0.61
N GLU A 76 -11.11 14.15 0.82
CA GLU A 76 -11.67 14.06 2.16
C GLU A 76 -11.24 12.78 2.85
N ALA A 77 -11.29 11.65 2.13
CA ALA A 77 -10.95 10.38 2.76
C ALA A 77 -9.48 10.33 3.15
N LEU A 78 -8.60 10.88 2.32
CA LEU A 78 -7.18 10.92 2.67
C LEU A 78 -6.95 11.79 3.88
N ARG A 79 -7.58 12.96 3.92
CA ARG A 79 -7.38 13.84 5.06
C ARG A 79 -7.92 13.20 6.33
N LYS A 80 -9.03 12.47 6.21
CA LYS A 80 -9.52 11.72 7.36
C LYS A 80 -8.53 10.63 7.75
N ALA A 81 -7.81 10.06 6.78
CA ALA A 81 -6.90 8.97 7.12
C ALA A 81 -5.68 9.47 7.88
N ILE A 82 -5.11 10.60 7.48
CA ILE A 82 -4.03 11.21 8.26
C ILE A 82 -4.55 12.15 9.35
N THR B 4 4.43 -17.64 -13.30
CA THR B 4 5.77 -17.24 -12.84
C THR B 4 5.73 -16.18 -11.75
N SER B 5 6.13 -16.55 -10.52
CA SER B 5 5.99 -15.69 -9.36
C SER B 5 7.06 -15.98 -8.32
N ASN B 6 7.54 -14.91 -7.67
CA ASN B 6 8.55 -14.96 -6.62
C ASN B 6 8.02 -14.22 -5.42
N VAL B 7 8.15 -14.82 -4.25
CA VAL B 7 7.84 -14.22 -2.97
C VAL B 7 9.04 -14.45 -2.05
N THR B 8 9.53 -13.39 -1.44
CA THR B 8 10.67 -13.45 -0.54
C THR B 8 10.36 -12.64 0.69
N VAL B 9 10.50 -13.28 1.85
CA VAL B 9 10.18 -12.68 3.14
C VAL B 9 11.38 -12.87 4.05
N THR B 10 11.85 -11.77 4.64
CA THR B 10 12.94 -11.76 5.60
C THR B 10 12.46 -11.12 6.90
N VAL B 11 12.70 -11.78 8.01
CA VAL B 11 12.27 -11.31 9.32
C VAL B 11 13.51 -11.20 10.19
N SER B 12 13.66 -10.05 10.83
CA SER B 12 14.68 -9.84 11.85
C SER B 12 14.02 -9.13 13.03
N ASP B 13 13.81 -9.88 14.10
CA ASP B 13 13.09 -9.41 15.28
C ASP B 13 11.72 -8.92 14.84
N LYS B 14 11.47 -7.61 14.92
CA LYS B 14 10.17 -7.10 14.47
C LYS B 14 10.21 -6.49 13.08
N ASP B 15 11.38 -6.38 12.44
CA ASP B 15 11.48 -5.84 11.08
C ASP B 15 11.21 -6.94 10.05
N VAL B 16 10.47 -6.57 9.03
CA VAL B 16 9.99 -7.48 8.00
C VAL B 16 10.24 -6.83 6.65
N LEU B 17 10.83 -7.59 5.73
CA LEU B 17 11.09 -7.17 4.36
CA LEU B 17 11.10 -7.17 4.36
C LEU B 17 10.39 -8.14 3.43
N LEU B 18 9.49 -7.62 2.60
CA LEU B 18 8.72 -8.41 1.62
C LEU B 18 9.09 -7.98 0.22
N GLU B 19 9.37 -8.95 -0.65
CA GLU B 19 9.52 -8.71 -2.07
C GLU B 19 8.63 -9.69 -2.82
N VAL B 20 7.95 -9.19 -3.84
CA VAL B 20 7.02 -9.98 -4.65
C VAL B 20 7.20 -9.60 -6.10
N GLN B 21 7.29 -10.60 -6.98
CA GLN B 21 7.24 -10.41 -8.42
C GLN B 21 6.23 -11.39 -8.97
N CYS B 22 5.24 -10.87 -9.69
CA CYS B 22 4.22 -11.70 -10.32
C CYS B 22 3.53 -10.89 -11.41
N ARG B 23 2.70 -11.58 -12.17
CA ARG B 23 1.85 -10.93 -13.15
C ARG B 23 0.83 -10.02 -12.44
N TRP B 24 0.72 -8.77 -12.89
CA TRP B 24 -0.30 -7.90 -12.35
C TRP B 24 -1.68 -8.32 -12.83
N GLU B 25 -2.66 -8.23 -11.94
CA GLU B 25 -4.06 -8.26 -12.33
C GLU B 25 -4.84 -7.28 -11.43
N GLU B 26 -6.08 -6.99 -11.83
CA GLU B 26 -6.88 -6.00 -11.13
C GLU B 26 -7.00 -6.31 -9.64
N LEU B 27 -6.90 -5.26 -8.82
CA LEU B 27 -7.01 -5.29 -7.36
C LEU B 27 -5.89 -6.09 -6.68
N LEU B 28 -4.81 -6.41 -7.39
CA LEU B 28 -3.70 -7.11 -6.78
C LEU B 28 -3.15 -6.33 -5.59
N THR B 30 -4.56 -4.28 -3.74
CA THR B 30 -5.52 -4.25 -2.64
C THR B 30 -5.51 -5.57 -1.86
N ARG B 31 -5.41 -6.68 -2.59
CA ARG B 31 -5.30 -7.96 -1.90
C ARG B 31 -4.03 -8.03 -1.06
N VAL B 32 -2.91 -7.54 -1.60
CA VAL B 32 -1.66 -7.53 -0.84
C VAL B 32 -1.81 -6.72 0.43
N PHE B 33 -2.35 -5.49 0.33
CA PHE B 33 -2.47 -4.70 1.55
C PHE B 33 -3.53 -5.25 2.49
N ASP B 34 -4.57 -5.89 1.95
CA ASP B 34 -5.48 -6.63 2.82
C ASP B 34 -4.72 -7.69 3.60
N ALA B 35 -3.88 -8.45 2.92
CA ALA B 35 -3.08 -9.47 3.58
C ALA B 35 -2.19 -8.85 4.63
N ILE B 36 -1.51 -7.75 4.28
CA ILE B 36 -0.60 -7.10 5.21
C ILE B 36 -1.32 -6.61 6.45
N LYS B 37 -2.50 -6.01 6.27
CA LYS B 37 -3.30 -5.59 7.42
C LYS B 37 -3.62 -6.77 8.31
N SER B 38 -4.03 -7.89 7.72
CA SER B 38 -4.49 -8.99 8.54
C SER B 38 -3.35 -9.70 9.27
N LEU B 39 -2.10 -9.44 8.87
CA LEU B 39 -0.87 -9.86 9.55
C LEU B 39 -0.38 -8.85 10.57
N HIS B 40 -1.09 -7.74 10.79
CA HIS B 40 -0.68 -6.75 11.80
C HIS B 40 0.71 -6.21 11.52
N LEU B 41 1.01 -5.98 10.25
CA LEU B 41 2.28 -5.40 9.84
C LEU B 41 2.06 -3.93 9.55
N ASP B 42 2.93 -3.10 10.11
CA ASP B 42 2.84 -1.66 9.96
C ASP B 42 3.84 -1.26 8.89
N VAL B 43 3.35 -0.80 7.74
CA VAL B 43 4.20 -0.59 6.58
C VAL B 43 4.92 0.75 6.72
N LEU B 44 6.24 0.74 6.57
CA LEU B 44 7.05 1.93 6.68
C LEU B 44 7.62 2.40 5.35
N SER B 45 7.66 1.54 4.34
CA SER B 45 8.09 1.98 3.02
C SER B 45 7.61 0.96 1.99
N VAL B 46 7.27 1.47 0.81
CA VAL B 46 6.77 0.68 -0.30
C VAL B 46 7.37 1.23 -1.58
N GLN B 47 7.85 0.34 -2.44
CA GLN B 47 8.11 0.66 -3.84
C GLN B 47 7.41 -0.44 -4.63
N ALA B 48 6.51 -0.03 -5.50
CA ALA B 48 5.71 -0.97 -6.26
C ALA B 48 5.35 -0.36 -7.60
N SER B 49 5.51 -1.13 -8.68
CA SER B 49 5.00 -0.75 -9.98
C SER B 49 4.90 -1.99 -10.86
N ALA B 50 4.16 -1.84 -11.96
CA ALA B 50 3.92 -2.94 -12.88
C ALA B 50 4.10 -2.46 -14.31
N PRO B 51 5.32 -2.05 -14.67
CA PRO B 51 5.59 -1.78 -16.09
C PRO B 51 5.40 -3.08 -16.87
N ASP B 52 4.78 -2.95 -18.06
CA ASP B 52 4.24 -4.11 -18.76
C ASP B 52 3.20 -4.71 -17.83
N GLY B 53 2.88 -5.98 -17.96
CA GLY B 53 1.89 -6.47 -17.03
C GLY B 53 2.48 -7.15 -15.82
N PHE B 54 3.71 -6.81 -15.42
CA PHE B 54 4.45 -7.58 -14.43
C PHE B 54 4.74 -6.73 -13.20
N GLY B 56 6.14 -5.58 -9.61
CA GLY B 56 7.31 -5.71 -8.76
C GLY B 56 7.09 -4.88 -7.52
N LEU B 57 7.33 -5.47 -6.37
CA LEU B 57 6.92 -4.94 -5.07
C LEU B 57 7.99 -5.18 -4.01
N LYS B 58 8.37 -4.13 -3.30
CA LYS B 58 9.26 -4.22 -2.14
C LYS B 58 8.64 -3.45 -1.00
N ILE B 59 8.47 -4.10 0.14
CA ILE B 59 7.83 -3.50 1.31
C ILE B 59 8.71 -3.72 2.52
N ARG B 60 8.92 -2.67 3.30
CA ARG B 60 9.57 -2.75 4.59
C ARG B 60 8.56 -2.40 5.67
N ALA B 61 8.41 -3.27 6.66
CA ALA B 61 7.35 -3.14 7.66
C ALA B 61 7.86 -3.58 9.01
N GLN B 62 7.01 -3.33 10.01
CA GLN B 62 7.32 -3.63 11.39
C GLN B 62 6.10 -4.29 11.99
N PHE B 63 6.33 -5.31 12.82
CA PHE B 63 5.25 -6.06 13.42
C PHE B 63 4.63 -5.24 14.55
N ALA B 64 3.31 -5.14 14.54
CA ALA B 64 2.60 -4.28 15.48
C ALA B 64 1.84 -5.04 16.55
N GLY B 65 1.68 -6.35 16.40
CA GLY B 65 0.95 -7.14 17.37
C GLY B 65 1.79 -7.62 18.54
N SER B 66 1.18 -8.50 19.33
CA SER B 66 1.85 -9.10 20.47
C SER B 66 2.52 -10.42 20.08
N GLY B 67 3.51 -10.81 20.89
CA GLY B 67 4.19 -12.08 20.68
C GLY B 67 5.19 -12.02 19.54
N ALA B 68 5.58 -13.21 19.07
CA ALA B 68 6.62 -13.32 18.07
C ALA B 68 6.05 -13.35 16.66
N VAL B 69 6.87 -12.87 15.70
CA VAL B 69 6.52 -12.94 14.29
C VAL B 69 6.60 -14.39 13.83
N VAL B 70 5.61 -14.83 13.07
CA VAL B 70 5.67 -16.19 12.52
C VAL B 70 5.97 -16.07 11.03
N PRO B 71 7.23 -16.19 10.62
CA PRO B 71 7.57 -15.83 9.23
C PRO B 71 6.78 -16.56 8.17
N TRP B 72 6.55 -17.87 8.32
CA TRP B 72 5.83 -18.58 7.25
C TRP B 72 4.41 -18.05 7.10
N ILE B 74 3.58 -14.84 7.06
CA ILE B 74 3.67 -13.73 6.13
C ILE B 74 3.76 -14.24 4.70
N SER B 75 4.68 -15.19 4.46
CA SER B 75 4.92 -15.65 3.10
C SER B 75 3.71 -16.38 2.57
N GLU B 76 3.02 -17.13 3.42
CA GLU B 76 1.85 -17.84 2.91
C GLU B 76 0.73 -16.87 2.57
N ALA B 77 0.49 -15.86 3.41
CA ALA B 77 -0.58 -14.91 3.13
C ALA B 77 -0.29 -14.13 1.84
N LEU B 78 0.97 -13.78 1.61
CA LEU B 78 1.35 -13.11 0.38
C LEU B 78 1.08 -14.00 -0.82
N ARG B 79 1.37 -15.29 -0.69
CA ARG B 79 1.19 -16.20 -1.82
C ARG B 79 -0.29 -16.34 -2.18
N LYS B 80 -1.16 -16.44 -1.17
CA LYS B 80 -2.59 -16.45 -1.42
C LYS B 80 -3.07 -15.14 -2.06
N ALA B 81 -2.44 -14.01 -1.73
CA ALA B 81 -2.89 -12.73 -2.27
C ALA B 81 -2.67 -12.65 -3.77
N ILE B 82 -1.63 -13.29 -4.28
CA ILE B 82 -1.39 -13.37 -5.71
C ILE B 82 -2.50 -14.15 -6.44
#